data_5L83
#
_entry.id   5L83
#
_cell.length_a   172.180
_cell.length_b   172.180
_cell.length_c   172.180
_cell.angle_alpha   90.00
_cell.angle_beta   90.00
_cell.angle_gamma   90.00
#
_symmetry.space_group_name_H-M   'I 41 3 2'
#
loop_
_entity.id
_entity.type
_entity.pdbx_description
1 polymer ASP-TRP-GLU-ILE-VAL
2 polymer 'Autophagy-related protein'
3 non-polymer 'SULFATE ION'
4 non-polymer 1,2-ETHANEDIOL
5 water water
#
loop_
_entity_poly.entity_id
_entity_poly.type
_entity_poly.pdbx_seq_one_letter_code
_entity_poly.pdbx_strand_id
1 'polypeptide(L)' DWEIV C,D
2 'polypeptide(L)'
;GPSFKLEHPLERRQAEAARIREKYPDRIPVIVEKAERSDIPDIDKKKYLVPADLTVGQFVYVVRKRIKLSAEKAIFIFVK
NILPPTAAMMSAIYEEHKDEDGFLYMTYSGEN
;
A,B
#
# COMPACT_ATOMS: atom_id res chain seq x y z
N ASP A 1 -12.35 -8.17 -21.66
CA ASP A 1 -12.60 -6.83 -21.03
C ASP A 1 -11.59 -6.54 -19.92
N TRP A 2 -10.57 -5.74 -20.23
CA TRP A 2 -9.43 -5.54 -19.36
C TRP A 2 -9.36 -4.07 -18.95
N GLU A 3 -9.17 -3.83 -17.66
CA GLU A 3 -9.01 -2.48 -17.17
C GLU A 3 -7.59 -2.04 -17.47
N ILE A 4 -7.44 -1.01 -18.29
CA ILE A 4 -6.13 -0.50 -18.65
C ILE A 4 -5.75 0.43 -17.51
N VAL A 5 -4.81 0.03 -16.67
CA VAL A 5 -4.41 0.82 -15.50
C VAL A 5 -3.42 1.92 -15.87
N ASP B 1 14.81 17.42 13.89
CA ASP B 1 13.63 18.14 14.46
C ASP B 1 12.42 17.28 14.33
N TRP B 2 11.50 17.44 15.27
CA TRP B 2 10.22 16.82 15.25
C TRP B 2 9.17 17.90 15.02
N GLU B 3 8.32 17.72 14.02
CA GLU B 3 7.19 18.64 13.80
C GLU B 3 6.00 18.30 14.64
N ILE B 4 5.51 19.28 15.41
CA ILE B 4 4.28 19.11 16.15
C ILE B 4 3.13 19.35 15.20
N VAL B 5 2.26 18.34 15.05
CA VAL B 5 1.15 18.43 14.14
C VAL B 5 -0.08 18.82 14.93
N GLY C 1 14.00 -1.17 3.34
CA GLY C 1 13.35 -0.65 4.58
C GLY C 1 13.43 0.86 4.61
N PRO C 2 12.96 1.45 5.71
CA PRO C 2 12.99 2.92 5.82
C PRO C 2 14.39 3.54 5.75
N SER C 3 14.51 4.69 5.10
CA SER C 3 15.78 5.41 5.00
C SER C 3 16.38 5.84 6.37
N PHE C 4 15.51 6.31 7.26
CA PHE C 4 15.92 6.67 8.61
C PHE C 4 16.70 5.56 9.36
N LYS C 5 16.41 4.29 9.09
CA LYS C 5 17.16 3.22 9.76
C LYS C 5 18.58 3.07 9.31
N LEU C 6 18.90 3.54 8.11
CA LEU C 6 20.27 3.52 7.64
C LEU C 6 21.08 4.56 8.36
N GLU C 7 20.42 5.63 8.78
CA GLU C 7 21.13 6.70 9.44
C GLU C 7 21.40 6.40 10.91
N HIS C 8 20.63 5.52 11.53
CA HIS C 8 20.77 5.30 12.98
C HIS C 8 20.57 3.85 13.35
N PRO C 9 21.42 3.34 14.23
CA PRO C 9 21.19 1.97 14.67
C PRO C 9 20.05 1.87 15.70
N LEU C 10 19.59 0.65 15.93
CA LEU C 10 18.44 0.38 16.79
C LEU C 10 18.61 0.99 18.17
N GLU C 11 19.80 0.92 18.75
CA GLU C 11 19.99 1.42 20.12
C GLU C 11 19.74 2.96 20.22
N ARG C 12 20.02 3.71 19.15
CA ARG C 12 19.77 5.15 19.12
CA ARG C 12 19.76 5.17 19.14
C ARG C 12 18.29 5.40 18.81
N ARG C 13 17.76 4.68 17.84
CA ARG C 13 16.35 4.88 17.45
C ARG C 13 15.37 4.57 18.55
N GLN C 14 15.59 3.46 19.25
CA GLN C 14 14.66 3.07 20.30
C GLN C 14 14.73 4.04 21.47
N ALA C 15 15.89 4.64 21.68
CA ALA C 15 16.06 5.55 22.79
C ALA C 15 15.34 6.86 22.47
N GLU C 16 15.51 7.32 21.24
CA GLU C 16 14.80 8.53 20.78
C GLU C 16 13.27 8.35 20.87
N ALA C 17 12.76 7.24 20.37
CA ALA C 17 11.31 6.99 20.42
C ALA C 17 10.83 6.90 21.84
N ALA C 18 11.59 6.25 22.71
CA ALA C 18 11.15 6.18 24.11
C ALA C 18 11.17 7.57 24.78
N ARG C 19 12.17 8.41 24.51
CA ARG C 19 12.12 9.77 25.09
C ARG C 19 10.86 10.53 24.62
N ILE C 20 10.49 10.33 23.36
CA ILE C 20 9.33 11.00 22.78
C ILE C 20 8.03 10.51 23.41
N ARG C 21 7.89 9.20 23.54
CA ARG C 21 6.67 8.65 24.09
C ARG C 21 6.50 9.06 25.55
N GLU C 22 7.60 9.23 26.25
CA GLU C 22 7.59 9.79 27.61
C GLU C 22 7.10 11.23 27.66
N LYS C 23 7.66 12.06 26.80
CA LYS C 23 7.33 13.50 26.81
C LYS C 23 5.91 13.73 26.28
N TYR C 24 5.54 13.00 25.24
CA TYR C 24 4.26 13.17 24.58
C TYR C 24 3.49 11.86 24.52
N PRO C 25 2.93 11.44 25.66
CA PRO C 25 2.22 10.16 25.66
C PRO C 25 1.00 10.10 24.75
N ASP C 26 0.48 11.24 24.30
CA ASP C 26 -0.69 11.26 23.43
C ASP C 26 -0.36 11.64 21.99
N ARG C 27 0.92 11.56 21.63
CA ARG C 27 1.33 11.74 20.25
C ARG C 27 1.99 10.47 19.73
N ILE C 28 1.87 10.30 18.41
CA ILE C 28 2.46 9.20 17.71
C ILE C 28 3.67 9.70 16.95
N PRO C 29 4.88 9.13 17.17
CA PRO C 29 6.05 9.57 16.45
C PRO C 29 6.14 8.87 15.10
N VAL C 30 5.88 9.64 14.04
CA VAL C 30 5.79 9.11 12.68
C VAL C 30 6.97 9.60 11.87
N ILE C 31 7.62 8.68 11.16
CA ILE C 31 8.66 9.00 10.24
C ILE C 31 8.17 8.67 8.84
N VAL C 32 8.10 9.71 8.01
CA VAL C 32 7.51 9.65 6.69
C VAL C 32 8.60 9.68 5.62
N GLU C 33 8.40 8.97 4.52
CA GLU C 33 9.28 9.08 3.37
C GLU C 33 8.47 8.86 2.10
N LYS C 34 8.93 9.45 1.01
CA LYS C 34 8.28 9.33 -0.27
C LYS C 34 8.60 7.98 -0.88
N ALA C 35 7.64 7.34 -1.52
CA ALA C 35 7.91 6.09 -2.26
C ALA C 35 8.96 6.40 -3.31
N GLU C 36 9.96 5.53 -3.39
CA GLU C 36 11.17 5.82 -4.22
C GLU C 36 10.99 6.43 -5.63
N ARG C 37 10.16 5.87 -6.49
CA ARG C 37 10.09 6.40 -7.87
C ARG C 37 8.78 7.15 -8.13
N SER C 38 8.02 7.43 -7.09
CA SER C 38 6.78 8.17 -7.29
C SER C 38 7.14 9.58 -7.74
N ASP C 39 6.51 10.03 -8.81
CA ASP C 39 6.82 11.31 -9.43
C ASP C 39 6.02 12.42 -8.75
N ILE C 40 6.07 12.46 -7.41
CA ILE C 40 5.46 13.56 -6.70
C ILE C 40 6.51 14.18 -5.80
N PRO C 41 6.22 15.38 -5.27
CA PRO C 41 7.32 16.07 -4.59
C PRO C 41 7.80 15.37 -3.32
N ASP C 42 9.09 15.52 -3.04
CA ASP C 42 9.63 15.05 -1.79
C ASP C 42 9.23 16.00 -0.68
N ILE C 43 9.26 15.54 0.55
CA ILE C 43 8.80 16.35 1.66
C ILE C 43 10.03 16.87 2.41
N ASP C 44 10.00 18.13 2.87
CA ASP C 44 11.12 18.74 3.60
CA ASP C 44 11.21 18.65 3.55
C ASP C 44 11.40 18.02 4.92
N LYS C 45 10.39 18.02 5.76
CA LYS C 45 10.47 17.40 7.09
C LYS C 45 9.90 15.98 7.09
N LYS C 46 10.63 15.06 7.73
CA LYS C 46 10.28 13.66 7.79
C LYS C 46 9.66 13.17 9.10
N LYS C 47 9.86 13.92 10.20
CA LYS C 47 9.50 13.45 11.55
C LYS C 47 8.38 14.27 12.20
N TYR C 48 7.26 13.60 12.45
CA TYR C 48 6.02 14.23 12.88
C TYR C 48 5.52 13.65 14.20
N LEU C 49 5.17 14.54 15.14
CA LEU C 49 4.52 14.12 16.34
C LEU C 49 3.01 14.33 16.14
N VAL C 50 2.30 13.25 15.84
CA VAL C 50 0.90 13.35 15.42
C VAL C 50 -0.06 13.04 16.57
N PRO C 51 -1.10 13.88 16.77
CA PRO C 51 -2.08 13.56 17.81
C PRO C 51 -2.66 12.15 17.67
N ALA C 52 -2.81 11.48 18.80
CA ALA C 52 -3.30 10.11 18.82
C ALA C 52 -4.67 9.96 18.18
N ASP C 53 -5.50 10.98 18.34
CA ASP C 53 -6.88 10.94 17.89
C ASP C 53 -7.02 11.33 16.42
N LEU C 54 -5.99 11.89 15.80
CA LEU C 54 -6.08 12.28 14.39
C LEU C 54 -6.27 11.01 13.52
N THR C 55 -7.10 11.09 12.48
CA THR C 55 -7.24 9.97 11.59
C THR C 55 -6.09 9.93 10.60
N VAL C 56 -5.85 8.75 10.05
CA VAL C 56 -4.92 8.54 8.96
C VAL C 56 -5.17 9.52 7.81
N GLY C 57 -6.43 9.63 7.39
CA GLY C 57 -6.80 10.54 6.30
C GLY C 57 -6.44 11.99 6.59
N GLN C 58 -6.69 12.44 7.81
CA GLN C 58 -6.30 13.80 8.16
C GLN C 58 -4.79 13.96 8.08
N PHE C 59 -4.05 12.94 8.51
CA PHE C 59 -2.61 13.00 8.44
C PHE C 59 -2.12 13.01 6.97
N VAL C 60 -2.79 12.29 6.08
CA VAL C 60 -2.46 12.39 4.67
C VAL C 60 -2.58 13.85 4.16
N TYR C 61 -3.61 14.57 4.58
CA TYR C 61 -3.79 15.97 4.19
C TYR C 61 -2.73 16.88 4.82
N VAL C 62 -2.23 16.52 6.01
CA VAL C 62 -1.07 17.25 6.59
C VAL C 62 0.15 17.14 5.67
N VAL C 63 0.43 15.92 5.23
CA VAL C 63 1.53 15.66 4.31
C VAL C 63 1.31 16.37 2.97
N ARG C 64 0.10 16.25 2.44
CA ARG C 64 -0.26 16.83 1.16
C ARG C 64 0.01 18.34 1.14
N LYS C 65 -0.43 19.03 2.19
CA LYS C 65 -0.25 20.47 2.34
C LYS C 65 1.24 20.87 2.38
N ARG C 66 2.08 20.08 3.01
CA ARG C 66 3.51 20.39 3.06
C ARG C 66 4.25 20.22 1.75
N ILE C 67 3.75 19.39 0.85
CA ILE C 67 4.45 19.21 -0.40
C ILE C 67 3.79 19.98 -1.54
N LYS C 68 2.69 20.65 -1.26
CA LYS C 68 2.03 21.45 -2.28
C LYS C 68 1.85 20.63 -3.55
N LEU C 69 1.14 19.54 -3.38
CA LEU C 69 0.76 18.67 -4.48
C LEU C 69 -0.29 19.38 -5.35
N SER C 70 -0.12 19.34 -6.66
CA SER C 70 -1.14 19.81 -7.59
C SER C 70 -2.53 19.24 -7.26
N ALA C 71 -3.54 20.07 -7.47
CA ALA C 71 -4.88 19.86 -6.94
C ALA C 71 -5.58 18.62 -7.45
N GLU C 72 -5.33 18.23 -8.70
CA GLU C 72 -5.97 17.05 -9.26
C GLU C 72 -5.28 15.75 -8.84
N LYS C 73 -4.09 15.82 -8.26
CA LYS C 73 -3.35 14.60 -7.98
C LYS C 73 -3.76 13.93 -6.67
N ALA C 74 -3.78 12.61 -6.70
CA ALA C 74 -4.04 11.79 -5.53
C ALA C 74 -2.75 11.51 -4.75
N ILE C 75 -2.90 11.33 -3.45
CA ILE C 75 -1.82 10.93 -2.56
C ILE C 75 -2.41 9.95 -1.57
N PHE C 76 -1.63 8.91 -1.27
CA PHE C 76 -2.03 7.90 -0.31
C PHE C 76 -0.80 7.39 0.45
N ILE C 77 -1.02 6.68 1.54
CA ILE C 77 0.08 6.33 2.42
C ILE C 77 0.01 4.87 2.81
N PHE C 78 1.17 4.28 3.03
CA PHE C 78 1.31 2.90 3.46
C PHE C 78 2.02 2.79 4.80
N VAL C 79 1.70 1.72 5.51
CA VAL C 79 2.39 1.36 6.72
C VAL C 79 2.44 -0.16 6.76
N LYS C 80 3.63 -0.70 7.02
CA LYS C 80 3.84 -2.17 7.09
C LYS C 80 3.20 -2.92 5.92
N ASN C 81 3.39 -2.38 4.72
CA ASN C 81 2.89 -2.98 3.50
C ASN C 81 1.37 -3.10 3.37
N ILE C 82 0.65 -2.24 4.08
CA ILE C 82 -0.80 -2.16 3.92
C ILE C 82 -1.22 -0.71 3.75
N LEU C 83 -2.39 -0.53 3.12
CA LEU C 83 -3.02 0.75 2.91
C LEU C 83 -4.01 0.89 4.08
N PRO C 84 -3.69 1.73 5.08
CA PRO C 84 -4.57 1.75 6.24
C PRO C 84 -5.89 2.49 5.97
N PRO C 85 -6.98 2.09 6.68
CA PRO C 85 -8.26 2.74 6.42
C PRO C 85 -8.16 4.22 6.75
N THR C 86 -8.78 5.07 5.94
CA THR C 86 -8.61 6.51 6.15
C THR C 86 -9.21 6.98 7.47
N ALA C 87 -10.18 6.26 8.00
CA ALA C 87 -10.81 6.64 9.26
C ALA C 87 -10.11 6.03 10.48
N ALA C 88 -9.11 5.20 10.29
CA ALA C 88 -8.41 4.67 11.43
C ALA C 88 -7.72 5.81 12.18
N MET C 89 -7.82 5.78 13.50
CA MET C 89 -7.07 6.72 14.35
C MET C 89 -5.59 6.36 14.41
N MET C 90 -4.76 7.40 14.47
CA MET C 90 -3.31 7.20 14.50
C MET C 90 -2.88 6.35 15.71
N SER C 91 -3.59 6.44 16.81
CA SER C 91 -3.33 5.57 17.97
C SER C 91 -3.49 4.09 17.64
N ALA C 92 -4.53 3.75 16.89
CA ALA C 92 -4.78 2.36 16.50
C ALA C 92 -3.75 1.84 15.51
N ILE C 93 -3.41 2.68 14.55
CA ILE C 93 -2.35 2.36 13.61
C ILE C 93 -1.01 2.13 14.33
N TYR C 94 -0.69 2.98 15.31
CA TYR C 94 0.56 2.83 16.08
C TYR C 94 0.58 1.49 16.82
N GLU C 95 -0.52 1.19 17.51
CA GLU C 95 -0.55 0.01 18.36
C GLU C 95 -0.38 -1.25 17.52
N GLU C 96 -0.94 -1.24 16.32
CA GLU C 96 -0.87 -2.40 15.44
CA GLU C 96 -0.87 -2.40 15.44
C GLU C 96 0.44 -2.46 14.66
N HIS C 97 0.90 -1.31 14.16
CA HIS C 97 1.96 -1.31 13.16
C HIS C 97 3.27 -0.65 13.53
N LYS C 98 3.44 -0.24 14.78
CA LYS C 98 4.72 0.36 15.16
C LYS C 98 5.86 -0.62 14.98
N ASP C 99 7.01 -0.06 14.68
CA ASP C 99 8.25 -0.81 14.55
C ASP C 99 8.71 -1.29 15.92
N GLU C 100 9.58 -2.30 15.93
CA GLU C 100 10.26 -2.70 17.14
CA GLU C 100 10.34 -2.71 17.13
C GLU C 100 10.90 -1.49 17.84
N ASP C 101 11.37 -0.50 17.08
CA ASP C 101 12.05 0.66 17.70
C ASP C 101 11.11 1.68 18.36
N GLY C 102 9.81 1.59 18.08
CA GLY C 102 8.82 2.44 18.71
C GLY C 102 8.31 3.55 17.80
N PHE C 103 8.91 3.68 16.62
CA PHE C 103 8.47 4.65 15.64
C PHE C 103 7.43 4.02 14.75
N LEU C 104 6.66 4.87 14.11
CA LEU C 104 5.72 4.41 13.07
C LEU C 104 6.26 4.87 11.74
N TYR C 105 6.62 3.94 10.84
CA TYR C 105 7.22 4.32 9.56
C TYR C 105 6.16 4.30 8.48
N MET C 106 6.03 5.41 7.76
CA MET C 106 4.99 5.55 6.74
CA MET C 106 5.02 5.48 6.72
C MET C 106 5.60 6.02 5.43
N THR C 107 5.10 5.47 4.33
CA THR C 107 5.54 5.84 3.00
C THR C 107 4.38 6.41 2.23
N TYR C 108 4.56 7.58 1.62
CA TYR C 108 3.49 8.18 0.82
C TYR C 108 3.79 8.07 -0.64
N SER C 109 2.75 8.07 -1.45
CA SER C 109 2.89 7.83 -2.87
C SER C 109 1.83 8.56 -3.66
N GLY C 110 2.17 8.84 -4.92
CA GLY C 110 1.19 9.25 -5.92
C GLY C 110 0.82 8.06 -6.78
N GLU C 111 -0.09 8.27 -7.73
CA GLU C 111 -0.48 7.24 -8.72
C GLU C 111 0.59 7.00 -9.78
N ASN C 112 1.46 7.97 -9.95
CA ASN C 112 2.63 7.85 -10.81
C ASN C 112 3.81 8.20 -9.92
N GLY D 1 -15.38 -16.03 -4.50
CA GLY D 1 -14.03 -16.59 -4.29
C GLY D 1 -13.31 -16.69 -5.62
N PRO D 2 -12.12 -17.26 -5.61
CA PRO D 2 -11.43 -17.38 -6.88
C PRO D 2 -12.25 -18.25 -7.87
N SER D 3 -12.52 -17.73 -9.04
CA SER D 3 -13.45 -18.38 -9.98
C SER D 3 -12.96 -18.47 -11.41
N PHE D 4 -11.92 -17.71 -11.75
CA PHE D 4 -11.50 -17.63 -13.13
C PHE D 4 -11.09 -19.00 -13.70
N LYS D 5 -10.30 -19.76 -12.93
CA LYS D 5 -9.91 -21.10 -13.36
C LYS D 5 -11.08 -22.08 -13.27
N LEU D 6 -11.99 -21.86 -12.33
CA LEU D 6 -13.20 -22.70 -12.31
C LEU D 6 -13.97 -22.52 -13.60
N GLU D 7 -14.07 -21.28 -14.07
CA GLU D 7 -14.92 -20.95 -15.19
C GLU D 7 -14.27 -21.11 -16.57
N HIS D 8 -12.95 -21.27 -16.63
CA HIS D 8 -12.28 -21.36 -17.92
C HIS D 8 -11.15 -22.36 -17.85
N PRO D 9 -11.10 -23.32 -18.79
CA PRO D 9 -10.01 -24.26 -18.81
C PRO D 9 -8.69 -23.59 -19.21
N LEU D 10 -7.60 -24.27 -18.93
CA LEU D 10 -6.27 -23.77 -19.23
C LEU D 10 -6.13 -23.22 -20.66
N GLU D 11 -6.64 -23.97 -21.64
CA GLU D 11 -6.46 -23.56 -23.03
C GLU D 11 -7.06 -22.17 -23.29
N ARG D 12 -8.26 -21.91 -22.79
CA ARG D 12 -8.86 -20.59 -22.98
C ARG D 12 -8.09 -19.49 -22.23
N ARG D 13 -7.64 -19.79 -21.02
CA ARG D 13 -6.87 -18.84 -20.23
C ARG D 13 -5.55 -18.48 -20.92
N GLN D 14 -4.79 -19.48 -21.36
CA GLN D 14 -3.51 -19.25 -22.05
C GLN D 14 -3.68 -18.48 -23.33
N ALA D 15 -4.72 -18.78 -24.08
CA ALA D 15 -5.04 -18.07 -25.30
C ALA D 15 -5.37 -16.60 -25.05
N GLU D 16 -6.07 -16.31 -23.95
CA GLU D 16 -6.40 -14.92 -23.64
C GLU D 16 -5.12 -14.18 -23.18
N ALA D 17 -4.28 -14.86 -22.39
CA ALA D 17 -3.01 -14.32 -21.94
C ALA D 17 -2.11 -13.99 -23.13
N ALA D 18 -2.02 -14.90 -24.08
CA ALA D 18 -1.18 -14.71 -25.27
C ALA D 18 -1.72 -13.55 -26.09
N ARG D 19 -3.04 -13.53 -26.30
CA ARG D 19 -3.67 -12.47 -27.02
C ARG D 19 -3.35 -11.09 -26.43
N ILE D 20 -3.51 -10.96 -25.11
CA ILE D 20 -3.41 -9.65 -24.47
C ILE D 20 -1.95 -9.19 -24.36
N ARG D 21 -1.05 -10.15 -24.17
CA ARG D 21 0.36 -9.82 -24.00
C ARG D 21 1.00 -9.43 -25.33
N GLU D 22 0.46 -9.94 -26.43
CA GLU D 22 0.85 -9.50 -27.75
C GLU D 22 0.32 -8.09 -28.01
N LYS D 23 -0.96 -7.86 -27.72
CA LYS D 23 -1.58 -6.55 -27.89
C LYS D 23 -0.99 -5.46 -26.96
N TYR D 24 -0.60 -5.83 -25.74
CA TYR D 24 -0.02 -4.88 -24.79
C TYR D 24 1.26 -5.48 -24.24
N PRO D 25 2.35 -5.41 -25.01
CA PRO D 25 3.58 -6.12 -24.66
C PRO D 25 4.25 -5.73 -23.35
N ASP D 26 4.03 -4.50 -22.89
CA ASP D 26 4.72 -4.00 -21.71
C ASP D 26 3.84 -4.04 -20.46
N ARG D 27 2.70 -4.71 -20.53
CA ARG D 27 1.77 -4.74 -19.40
C ARG D 27 1.66 -6.10 -18.79
N ILE D 28 1.34 -6.13 -17.51
CA ILE D 28 1.20 -7.36 -16.77
C ILE D 28 -0.28 -7.61 -16.55
N PRO D 29 -0.77 -8.78 -16.98
CA PRO D 29 -2.16 -9.11 -16.81
C PRO D 29 -2.41 -9.76 -15.44
N VAL D 30 -3.26 -9.10 -14.65
CA VAL D 30 -3.52 -9.49 -13.29
C VAL D 30 -4.98 -9.85 -13.12
N ILE D 31 -5.23 -10.97 -12.42
CA ILE D 31 -6.59 -11.43 -12.10
C ILE D 31 -6.75 -11.28 -10.59
N VAL D 32 -7.68 -10.42 -10.16
CA VAL D 32 -7.90 -10.11 -8.75
C VAL D 32 -9.27 -10.58 -8.35
N GLU D 33 -9.30 -11.46 -7.34
CA GLU D 33 -10.51 -12.13 -6.91
C GLU D 33 -10.57 -12.17 -5.42
N LYS D 34 -11.78 -12.36 -4.91
CA LYS D 34 -12.01 -12.36 -3.50
C LYS D 34 -11.41 -13.58 -2.84
N ALA D 35 -10.78 -13.36 -1.68
CA ALA D 35 -10.20 -14.45 -0.93
C ALA D 35 -11.34 -15.38 -0.50
N GLU D 36 -11.05 -16.65 -0.57
CA GLU D 36 -12.03 -17.68 -0.28
C GLU D 36 -12.79 -17.43 1.03
N ARG D 37 -12.10 -17.10 2.12
CA ARG D 37 -12.80 -17.03 3.40
C ARG D 37 -13.33 -15.63 3.81
N SER D 38 -13.25 -14.63 2.92
CA SER D 38 -13.65 -13.26 3.28
C SER D 38 -15.07 -12.86 2.85
N ASP D 39 -15.78 -12.14 3.73
CA ASP D 39 -17.12 -11.61 3.40
C ASP D 39 -17.10 -10.13 2.94
N ILE D 40 -15.94 -9.66 2.53
CA ILE D 40 -15.77 -8.32 1.99
C ILE D 40 -16.58 -8.23 0.70
N PRO D 41 -17.08 -7.03 0.35
CA PRO D 41 -17.80 -6.89 -0.90
C PRO D 41 -17.00 -7.15 -2.18
N ASP D 42 -17.76 -7.34 -3.25
CA ASP D 42 -17.21 -7.52 -4.57
C ASP D 42 -16.56 -6.29 -5.10
N ILE D 43 -15.50 -6.48 -5.88
CA ILE D 43 -14.89 -5.39 -6.57
C ILE D 43 -15.50 -5.30 -7.93
N ASP D 44 -15.42 -4.12 -8.52
CA ASP D 44 -16.07 -3.80 -9.79
C ASP D 44 -15.51 -4.55 -10.97
N LYS D 45 -14.22 -4.87 -10.92
CA LYS D 45 -13.49 -5.41 -12.07
C LYS D 45 -12.48 -6.45 -11.56
N LYS D 46 -12.35 -7.54 -12.31
CA LYS D 46 -11.46 -8.65 -11.97
C LYS D 46 -10.12 -8.54 -12.70
N LYS D 47 -10.15 -8.04 -13.94
CA LYS D 47 -8.99 -8.15 -14.84
C LYS D 47 -8.33 -6.82 -15.12
N TYR D 48 -7.05 -6.74 -14.81
CA TYR D 48 -6.31 -5.49 -14.87
C TYR D 48 -5.08 -5.69 -15.70
N LEU D 49 -4.82 -4.76 -16.59
CA LEU D 49 -3.58 -4.70 -17.33
C LEU D 49 -2.72 -3.58 -16.74
N VAL D 50 -1.66 -3.94 -16.03
CA VAL D 50 -0.89 -2.93 -15.29
C VAL D 50 0.46 -2.66 -15.94
N PRO D 51 0.94 -1.40 -15.87
CA PRO D 51 2.30 -1.14 -16.36
C PRO D 51 3.32 -1.95 -15.55
N ALA D 52 4.41 -2.39 -16.18
CA ALA D 52 5.35 -3.31 -15.49
C ALA D 52 6.01 -2.66 -14.27
N ASP D 53 6.21 -1.37 -14.37
CA ASP D 53 6.81 -0.65 -13.25
C ASP D 53 5.80 -0.02 -12.28
N LEU D 54 4.51 -0.32 -12.38
CA LEU D 54 3.58 0.10 -11.36
C LEU D 54 4.04 -0.55 -10.06
N THR D 55 3.96 0.15 -8.95
CA THR D 55 4.26 -0.50 -7.68
C THR D 55 3.05 -1.26 -7.16
N VAL D 56 3.33 -2.24 -6.30
CA VAL D 56 2.29 -2.97 -5.60
C VAL D 56 1.34 -2.01 -4.86
N GLY D 57 1.92 -1.03 -4.17
CA GLY D 57 1.12 -0.07 -3.46
C GLY D 57 0.20 0.75 -4.37
N GLN D 58 0.71 1.19 -5.50
CA GLN D 58 -0.12 1.90 -6.48
C GLN D 58 -1.27 0.98 -6.96
N PHE D 59 -0.98 -0.32 -7.09
CA PHE D 59 -2.02 -1.28 -7.48
C PHE D 59 -3.06 -1.52 -6.39
N VAL D 60 -2.66 -1.55 -5.13
CA VAL D 60 -3.59 -1.67 -4.05
C VAL D 60 -4.59 -0.49 -4.07
N TYR D 61 -4.07 0.70 -4.30
CA TYR D 61 -4.93 1.89 -4.40
C TYR D 61 -5.92 1.78 -5.59
N VAL D 62 -5.42 1.34 -6.73
CA VAL D 62 -6.26 1.05 -7.90
C VAL D 62 -7.41 0.14 -7.52
N VAL D 63 -7.11 -0.97 -6.86
CA VAL D 63 -8.15 -1.95 -6.46
C VAL D 63 -9.09 -1.35 -5.44
N ARG D 64 -8.56 -0.60 -4.47
CA ARG D 64 -9.41 -0.03 -3.43
C ARG D 64 -10.41 0.98 -4.03
N LYS D 65 -10.04 1.64 -5.11
CA LYS D 65 -10.98 2.53 -5.78
C LYS D 65 -12.18 1.77 -6.40
N ARG D 66 -12.09 0.45 -6.56
CA ARG D 66 -13.14 -0.29 -7.26
CA ARG D 66 -13.10 -0.34 -7.27
C ARG D 66 -13.98 -1.12 -6.30
N ILE D 67 -13.98 -0.73 -5.04
CA ILE D 67 -14.78 -1.36 -4.02
C ILE D 67 -15.41 -0.28 -3.15
N LYS D 68 -16.57 -0.59 -2.58
CA LYS D 68 -17.29 0.30 -1.63
C LYS D 68 -17.16 -0.24 -0.24
N LEU D 69 -16.38 0.46 0.58
CA LEU D 69 -16.20 0.11 1.99
C LEU D 69 -16.32 1.36 2.82
N SER D 70 -16.90 1.21 4.02
CA SER D 70 -16.95 2.29 4.98
C SER D 70 -15.48 2.62 5.29
N ALA D 71 -15.24 3.88 5.61
CA ALA D 71 -13.89 4.43 5.72
C ALA D 71 -13.00 3.78 6.80
N GLU D 72 -13.61 3.08 7.77
CA GLU D 72 -12.84 2.43 8.84
C GLU D 72 -12.40 0.99 8.50
N LYS D 73 -12.85 0.47 7.37
CA LYS D 73 -12.68 -0.91 6.99
C LYS D 73 -11.43 -1.13 6.15
N ALA D 74 -10.74 -2.21 6.48
CA ALA D 74 -9.47 -2.59 5.84
C ALA D 74 -9.65 -3.40 4.55
N ILE D 75 -8.62 -3.31 3.71
CA ILE D 75 -8.47 -4.15 2.56
C ILE D 75 -7.01 -4.61 2.52
N PHE D 76 -6.80 -5.82 2.02
CA PHE D 76 -5.46 -6.41 1.88
C PHE D 76 -5.46 -7.17 0.56
N ILE D 77 -4.35 -7.11 -0.16
CA ILE D 77 -4.20 -7.88 -1.39
C ILE D 77 -3.01 -8.82 -1.19
N PHE D 78 -3.19 -10.07 -1.59
CA PHE D 78 -2.22 -11.15 -1.41
C PHE D 78 -1.88 -11.76 -2.75
N VAL D 79 -0.68 -12.33 -2.83
CA VAL D 79 -0.29 -13.14 -3.96
C VAL D 79 0.08 -14.49 -3.35
N LYS D 80 -0.62 -15.54 -3.78
CA LYS D 80 -0.53 -16.85 -3.18
C LYS D 80 -0.42 -16.78 -1.68
N ASN D 81 -1.33 -16.04 -1.02
CA ASN D 81 -1.24 -15.85 0.44
C ASN D 81 0.01 -15.18 1.04
N ILE D 82 0.80 -14.51 0.22
CA ILE D 82 1.90 -13.70 0.71
C ILE D 82 1.42 -12.25 0.63
N LEU D 83 1.74 -11.45 1.64
CA LEU D 83 1.51 -9.99 1.55
C LEU D 83 2.69 -9.30 0.87
N PRO D 84 2.54 -8.86 -0.38
CA PRO D 84 3.71 -8.35 -1.08
C PRO D 84 4.10 -6.93 -0.63
N PRO D 85 5.34 -6.53 -0.89
CA PRO D 85 5.78 -5.21 -0.43
C PRO D 85 5.19 -4.07 -1.23
N THR D 86 4.64 -3.05 -0.57
CA THR D 86 4.08 -1.93 -1.34
C THR D 86 5.13 -1.23 -2.21
N ALA D 87 6.40 -1.31 -1.87
CA ALA D 87 7.44 -0.65 -2.68
C ALA D 87 7.88 -1.51 -3.87
N ALA D 88 7.45 -2.77 -3.95
CA ALA D 88 7.93 -3.66 -5.02
C ALA D 88 7.25 -3.31 -6.34
N MET D 89 7.96 -3.52 -7.43
CA MET D 89 7.33 -3.37 -8.72
C MET D 89 6.50 -4.60 -9.07
N MET D 90 5.39 -4.36 -9.78
CA MET D 90 4.54 -5.45 -10.20
C MET D 90 5.30 -6.45 -11.05
N SER D 91 6.26 -5.97 -11.85
CA SER D 91 7.16 -6.84 -12.62
C SER D 91 7.87 -7.89 -11.77
N ALA D 92 8.32 -7.51 -10.58
CA ALA D 92 9.00 -8.45 -9.69
C ALA D 92 8.06 -9.49 -9.09
N ILE D 93 6.84 -9.05 -8.77
CA ILE D 93 5.82 -9.99 -8.26
C ILE D 93 5.47 -11.02 -9.35
N TYR D 94 5.38 -10.54 -10.56
CA TYR D 94 5.02 -11.36 -11.71
C TYR D 94 6.11 -12.42 -11.95
N GLU D 95 7.37 -12.02 -11.85
CA GLU D 95 8.46 -12.96 -12.04
C GLU D 95 8.45 -14.05 -10.99
N GLU D 96 8.18 -13.67 -9.74
CA GLU D 96 8.15 -14.64 -8.68
C GLU D 96 6.93 -15.52 -8.71
N HIS D 97 5.78 -15.01 -9.16
CA HIS D 97 4.51 -15.70 -8.87
C HIS D 97 3.57 -15.98 -10.03
N LYS D 98 3.96 -15.66 -11.25
CA LYS D 98 3.07 -15.82 -12.37
C LYS D 98 2.62 -17.26 -12.51
N ASP D 99 1.42 -17.40 -13.02
CA ASP D 99 0.82 -18.70 -13.24
C ASP D 99 1.32 -19.30 -14.55
N GLU D 100 1.19 -20.63 -14.70
CA GLU D 100 1.49 -21.29 -15.96
C GLU D 100 0.71 -20.70 -17.11
N ASP D 101 -0.46 -20.12 -16.84
CA ASP D 101 -1.24 -19.62 -17.93
C ASP D 101 -0.80 -18.24 -18.45
N GLY D 102 0.15 -17.59 -17.78
CA GLY D 102 0.58 -16.25 -18.17
C GLY D 102 0.02 -15.09 -17.33
N PHE D 103 -0.96 -15.37 -16.48
CA PHE D 103 -1.56 -14.33 -15.63
C PHE D 103 -0.89 -14.33 -14.28
N LEU D 104 -1.01 -13.18 -13.58
CA LEU D 104 -0.69 -13.10 -12.18
C LEU D 104 -2.02 -13.14 -11.42
N TYR D 105 -2.17 -14.09 -10.51
CA TYR D 105 -3.37 -14.18 -9.68
C TYR D 105 -3.15 -13.55 -8.33
N MET D 106 -4.06 -12.66 -7.93
CA MET D 106 -4.04 -12.06 -6.60
C MET D 106 -5.41 -12.18 -5.95
N THR D 107 -5.43 -12.16 -4.62
CA THR D 107 -6.69 -12.15 -3.90
C THR D 107 -6.77 -10.94 -2.99
N TYR D 108 -7.98 -10.54 -2.67
CA TYR D 108 -8.18 -9.44 -1.73
C TYR D 108 -9.12 -9.89 -0.65
N SER D 109 -8.95 -9.28 0.51
CA SER D 109 -9.63 -9.67 1.71
C SER D 109 -9.80 -8.46 2.65
N GLY D 110 -10.74 -8.59 3.59
CA GLY D 110 -10.88 -7.66 4.72
C GLY D 110 -10.07 -8.09 5.92
N GLU D 111 -9.32 -9.19 5.82
CA GLU D 111 -8.62 -9.79 6.97
C GLU D 111 -7.16 -10.14 6.62
N ASN D 112 -6.26 -9.96 7.58
CA ASN D 112 -4.86 -10.29 7.40
C ASN D 112 -4.42 -11.04 8.66
#